data_2CFW
#
_entry.id   2CFW
#
_cell.length_a   158.049
_cell.length_b   62.744
_cell.length_c   92.064
_cell.angle_alpha   90.00
_cell.angle_beta   112.10
_cell.angle_gamma   90.00
#
_symmetry.space_group_name_H-M   'C 1 2 1'
#
loop_
_entity.id
_entity.type
_entity.pdbx_description
1 polymer 'PHENYLETHYLAMINE OXIDASE'
2 non-polymer 'COPPER (II) ION'
3 non-polymer 'SODIUM ION'
4 non-polymer 'RUTHENIUM WIRE, 7 CARBON LINKER'
5 non-polymer 'SULFATE ION'
6 non-polymer GLYCEROL
7 water water
#
_entity_poly.entity_id   1
_entity_poly.type   'polypeptide(L)'
_entity_poly.pdbx_seq_one_letter_code
;PSTIQTASPFRLASAGEISEVQGILRTAGLLGPEKRIAYLGVLDPARGAGSEAEDRRFRVFIHDVSGARPQEVTVSVTNG
TVISAVELDTAATGELPVLEEEFEVVEQLLATDERWLKALAARNLDVSKVRVAPLSAGVFEYAEERGRRILRGLAFVQDF
PEDSAWAHPVDGLVAYVDVVSKEVTRVIDTGVFPVPAEHGNYTDPELTGPLRTTQKPISITQPEGPSFTVTGGNHIEWEK
WSLDVGFDVREGVVLHNIAFRDGDRLRPIINRASIAEMVVPYGDPSPIRSWQNYFDTGEYLVGQYANSLELGCDCLGDIT
YLSPVISDAFGNPREIRNGICMHEEDWGILAKHSDLWSGINYTRRNRRMVISFFTTIGN(TPQ)DYGFYWYLYLDGTIEF
EAKATGVVFTSAFPEGGSDNISQLAPGLGAPFHQHIFSARLDMAIDGFTNRVEEEDVVRQTMGPGNERGNAFSRKRTVLT
RESEAVREADARTGRTWIISNPESKNRLNEPVGYKLHAHNQPTLLADPGSSIARRAAFATKDLWVTRYADDERYPTGDFV
NQHSGGAGLPSYIAQDRDIDGQDIVVWHTFGLTHFPRVEDWPIMPVDTVGFKLRPEGFFDRSPVLDVPANPSQSGSHCHG
SNWSHPQFEK
;
_entity_poly.pdbx_strand_id   A
#
# COMPACT_ATOMS: atom_id res chain seq x y z
N ALA A 7 -9.11 19.22 -18.91
CA ALA A 7 -7.80 19.75 -19.41
C ALA A 7 -6.58 19.19 -18.65
N SER A 8 -6.78 18.75 -17.40
CA SER A 8 -5.64 18.43 -16.54
C SER A 8 -4.93 17.17 -16.99
N PRO A 9 -3.62 17.24 -17.15
CA PRO A 9 -2.84 16.04 -17.47
C PRO A 9 -2.79 15.04 -16.30
N PHE A 10 -3.37 15.40 -15.14
CA PHE A 10 -3.48 14.50 -13.98
C PHE A 10 -4.86 13.86 -13.82
N ARG A 11 -5.74 14.03 -14.81
CA ARG A 11 -7.05 13.42 -14.74
C ARG A 11 -6.93 11.90 -14.75
N LEU A 12 -7.92 11.25 -14.15
CA LEU A 12 -8.06 9.80 -14.19
C LEU A 12 -8.12 9.30 -15.62
N ALA A 13 -7.63 8.08 -15.84
CA ALA A 13 -7.78 7.42 -17.14
C ALA A 13 -9.27 7.20 -17.43
N SER A 14 -9.66 7.45 -18.66
CA SER A 14 -11.03 7.22 -19.09
C SER A 14 -11.12 5.89 -19.84
N ALA A 15 -12.34 5.37 -19.93
CA ALA A 15 -12.58 4.12 -20.62
C ALA A 15 -12.09 4.21 -22.05
N GLY A 16 -12.31 5.37 -22.67
CA GLY A 16 -11.85 5.63 -24.03
C GLY A 16 -10.34 5.55 -24.18
N GLU A 17 -9.60 6.08 -23.21
CA GLU A 17 -8.14 6.02 -23.27
C GLU A 17 -7.65 4.56 -23.22
N ILE A 18 -8.30 3.75 -22.39
CA ILE A 18 -7.88 2.34 -22.26
C ILE A 18 -8.17 1.58 -23.56
N SER A 19 -9.37 1.77 -24.10
CA SER A 19 -9.73 1.22 -25.41
C SER A 19 -8.75 1.66 -26.48
N GLU A 20 -8.28 2.90 -26.38
CA GLU A 20 -7.36 3.44 -27.37
C GLU A 20 -5.97 2.82 -27.24
N VAL A 21 -5.52 2.57 -26.01
CA VAL A 21 -4.27 1.86 -25.80
C VAL A 21 -4.37 0.48 -26.42
N GLN A 22 -5.51 -0.16 -26.21
CA GLN A 22 -5.78 -1.48 -26.77
C GLN A 22 -5.66 -1.43 -28.28
N GLY A 23 -6.27 -0.42 -28.89
CA GLY A 23 -6.25 -0.25 -30.35
C GLY A 23 -4.86 0.01 -30.91
N ILE A 24 -4.10 0.85 -30.23
CA ILE A 24 -2.74 1.17 -30.64
C ILE A 24 -1.86 -0.08 -30.57
N LEU A 25 -2.01 -0.83 -29.49
CA LEU A 25 -1.21 -2.06 -29.32
C LEU A 25 -1.58 -3.05 -30.39
N ARG A 26 -2.88 -3.17 -30.66
CA ARG A 26 -3.35 -4.14 -31.66
C ARG A 26 -2.78 -3.78 -33.01
N THR A 27 -2.89 -2.50 -33.38
CA THR A 27 -2.44 -2.00 -34.66
C THR A 27 -0.94 -2.23 -34.85
N ALA A 28 -0.18 -2.14 -33.75
CA ALA A 28 1.28 -2.28 -33.80
C ALA A 28 1.77 -3.73 -33.78
N GLY A 29 0.85 -4.69 -33.66
CA GLY A 29 1.21 -6.10 -33.65
C GLY A 29 1.59 -6.66 -32.29
N LEU A 30 1.25 -5.93 -31.23
CA LEU A 30 1.69 -6.24 -29.86
C LEU A 30 0.61 -6.86 -29.00
N LEU A 31 -0.61 -6.99 -29.52
CA LEU A 31 -1.72 -7.48 -28.69
C LEU A 31 -2.62 -8.45 -29.45
N GLY A 32 -1.99 -9.48 -29.99
CA GLY A 32 -2.68 -10.60 -30.59
C GLY A 32 -3.43 -11.47 -29.59
N PRO A 33 -4.06 -12.53 -30.07
CA PRO A 33 -4.92 -13.37 -29.22
C PRO A 33 -4.23 -14.08 -28.04
N GLU A 34 -2.92 -14.28 -28.09
CA GLU A 34 -2.20 -14.96 -27.01
C GLU A 34 -1.65 -13.97 -25.97
N LYS A 35 -1.88 -12.68 -26.20
CA LYS A 35 -1.38 -11.64 -25.29
C LYS A 35 -2.38 -11.33 -24.19
N ARG A 36 -1.87 -11.03 -22.99
CA ARG A 36 -2.69 -10.62 -21.87
C ARG A 36 -2.04 -9.40 -21.19
N ILE A 37 -2.85 -8.44 -20.77
CA ILE A 37 -2.33 -7.27 -20.05
C ILE A 37 -2.24 -7.61 -18.56
N ALA A 38 -1.01 -7.66 -18.03
CA ALA A 38 -0.77 -7.89 -16.61
C ALA A 38 -0.76 -6.61 -15.78
N TYR A 39 -0.45 -5.49 -16.44
CA TYR A 39 -0.46 -4.18 -15.80
C TYR A 39 -0.63 -3.12 -16.88
N LEU A 40 -1.43 -2.11 -16.57
CA LEU A 40 -1.62 -0.95 -17.44
C LEU A 40 -1.89 0.24 -16.56
N GLY A 41 -1.15 1.32 -16.78
CA GLY A 41 -1.39 2.56 -16.07
C GLY A 41 -0.89 3.78 -16.80
N VAL A 42 -1.50 4.91 -16.49
CA VAL A 42 -1.07 6.18 -17.05
C VAL A 42 0.22 6.63 -16.35
N LEU A 43 1.11 7.26 -17.10
CA LEU A 43 2.34 7.81 -16.56
C LEU A 43 2.09 9.25 -16.18
N ASP A 44 2.76 9.72 -15.15
CA ASP A 44 2.67 11.11 -14.73
C ASP A 44 3.40 11.99 -15.75
N PRO A 45 2.99 13.25 -15.90
CA PRO A 45 3.71 14.18 -16.76
C PRO A 45 5.17 14.31 -16.38
N ALA A 46 6.03 14.48 -17.37
CA ALA A 46 7.45 14.76 -17.12
C ALA A 46 7.61 16.11 -16.39
N ARG A 47 8.71 16.23 -15.67
CA ARG A 47 9.10 17.49 -15.04
C ARG A 47 9.21 18.59 -16.09
N GLY A 48 8.60 19.73 -15.81
CA GLY A 48 8.60 20.88 -16.72
C GLY A 48 7.62 20.80 -17.88
N ALA A 49 6.81 19.74 -17.91
CA ALA A 49 5.93 19.46 -19.06
C ALA A 49 4.71 20.37 -19.13
N GLY A 50 4.41 21.05 -18.01
CA GLY A 50 3.27 21.96 -17.94
C GLY A 50 3.24 22.98 -19.07
N SER A 51 4.41 23.42 -19.52
CA SER A 51 4.54 24.43 -20.57
C SER A 51 4.14 23.91 -21.97
N GLU A 52 4.46 22.65 -22.27
CA GLU A 52 4.06 22.01 -23.53
C GLU A 52 2.67 21.36 -23.44
N ALA A 53 2.04 21.11 -24.59
CA ALA A 53 0.73 20.46 -24.66
C ALA A 53 0.77 19.06 -24.07
N GLU A 54 -0.41 18.54 -23.74
CA GLU A 54 -0.54 17.19 -23.15
C GLU A 54 0.06 16.08 -24.02
N ASP A 55 0.78 15.17 -23.36
CA ASP A 55 1.10 13.86 -23.93
C ASP A 55 0.74 12.81 -22.88
N ARG A 56 -0.45 12.24 -23.01
CA ARG A 56 -0.89 11.17 -22.15
C ARG A 56 -0.22 9.89 -22.60
N ARG A 57 0.60 9.35 -21.72
CA ARG A 57 1.32 8.12 -21.99
C ARG A 57 0.91 7.05 -21.00
N PHE A 58 0.85 5.82 -21.48
CA PHE A 58 0.45 4.67 -20.69
C PHE A 58 1.55 3.60 -20.76
N ARG A 59 1.79 2.96 -19.62
CA ARG A 59 2.77 1.91 -19.50
C ARG A 59 2.01 0.60 -19.35
N VAL A 60 2.48 -0.41 -20.06
CA VAL A 60 1.79 -1.69 -20.15
C VAL A 60 2.80 -2.85 -20.02
N PHE A 61 2.45 -3.85 -19.23
CA PHE A 61 3.20 -5.09 -19.14
C PHE A 61 2.35 -6.16 -19.83
N ILE A 62 2.89 -6.77 -20.88
CA ILE A 62 2.13 -7.72 -21.71
C ILE A 62 2.69 -9.13 -21.54
N HIS A 63 1.85 -10.03 -21.06
CA HIS A 63 2.15 -11.46 -20.91
C HIS A 63 1.68 -12.23 -22.16
N ASP A 64 2.31 -13.38 -22.40
CA ASP A 64 2.00 -14.22 -23.55
C ASP A 64 1.70 -15.63 -23.00
N VAL A 65 0.48 -16.11 -23.20
CA VAL A 65 0.04 -17.41 -22.66
C VAL A 65 0.65 -18.62 -23.37
N SER A 66 1.25 -18.41 -24.53
CA SER A 66 1.86 -19.50 -25.30
C SER A 66 3.32 -19.76 -24.90
N GLY A 67 3.86 -18.95 -23.98
CA GLY A 67 5.19 -19.13 -23.44
C GLY A 67 6.26 -18.20 -23.99
N ALA A 68 5.89 -17.31 -24.91
CA ALA A 68 6.83 -16.34 -25.46
C ALA A 68 7.18 -15.30 -24.38
N ARG A 69 8.24 -14.55 -24.60
CA ARG A 69 8.70 -13.58 -23.61
C ARG A 69 7.71 -12.42 -23.51
N PRO A 70 7.50 -11.91 -22.31
CA PRO A 70 6.60 -10.77 -22.14
C PRO A 70 7.28 -9.49 -22.58
N GLN A 71 6.52 -8.40 -22.65
CA GLN A 71 7.06 -7.12 -23.08
C GLN A 71 6.65 -6.00 -22.14
N GLU A 72 7.53 -5.01 -22.03
CA GLU A 72 7.17 -3.74 -21.42
C GLU A 72 7.02 -2.72 -22.54
N VAL A 73 5.87 -2.05 -22.58
CA VAL A 73 5.53 -1.14 -23.66
C VAL A 73 5.04 0.20 -23.10
N THR A 74 5.51 1.28 -23.70
CA THR A 74 4.96 2.60 -23.42
C THR A 74 4.27 3.10 -24.70
N VAL A 75 3.04 3.57 -24.54
CA VAL A 75 2.20 4.06 -25.63
C VAL A 75 1.84 5.53 -25.39
N SER A 76 1.85 6.34 -26.45
CA SER A 76 1.26 7.68 -26.39
C SER A 76 -0.17 7.61 -26.91
N VAL A 77 -1.16 7.71 -26.02
CA VAL A 77 -2.55 7.64 -26.45
C VAL A 77 -2.95 8.92 -27.18
N THR A 78 -2.32 10.03 -26.82
CA THR A 78 -2.55 11.32 -27.49
C THR A 78 -2.22 11.21 -28.96
N ASN A 79 -1.05 10.65 -29.25
CA ASN A 79 -0.53 10.60 -30.61
C ASN A 79 -0.81 9.29 -31.35
N GLY A 80 -1.36 8.29 -30.66
CA GLY A 80 -1.65 7.01 -31.27
C GLY A 80 -0.45 6.19 -31.67
N THR A 81 0.63 6.29 -30.89
CA THR A 81 1.89 5.64 -31.24
C THR A 81 2.43 4.75 -30.13
N VAL A 82 3.28 3.81 -30.51
CA VAL A 82 4.11 3.08 -29.55
C VAL A 82 5.40 3.89 -29.40
N ILE A 83 5.68 4.34 -28.19
CA ILE A 83 6.94 5.02 -27.86
C ILE A 83 8.09 4.02 -27.72
N SER A 84 7.88 2.95 -26.99
CA SER A 84 8.90 1.92 -26.80
C SER A 84 8.26 0.57 -26.50
N ALA A 85 8.94 -0.49 -26.91
CA ALA A 85 8.52 -1.86 -26.61
C ALA A 85 9.78 -2.70 -26.48
N VAL A 86 9.95 -3.35 -25.34
CA VAL A 86 11.13 -4.17 -25.11
C VAL A 86 10.74 -5.54 -24.54
N GLU A 87 11.36 -6.59 -25.08
CA GLU A 87 11.17 -7.94 -24.58
C GLU A 87 11.89 -8.10 -23.25
N LEU A 88 11.22 -8.76 -22.31
CA LEU A 88 11.76 -8.95 -20.96
C LEU A 88 12.33 -10.33 -20.83
N ASP A 89 13.46 -10.43 -20.16
CA ASP A 89 14.01 -11.68 -19.73
C ASP A 89 13.67 -11.82 -18.24
N THR A 90 12.62 -12.57 -17.93
CA THR A 90 12.08 -12.58 -16.56
C THR A 90 12.99 -13.23 -15.54
N ALA A 91 13.86 -14.15 -15.98
CA ALA A 91 14.82 -14.75 -15.07
C ALA A 91 15.76 -13.69 -14.50
N ALA A 92 16.01 -12.65 -15.29
CA ALA A 92 16.84 -11.53 -14.86
C ALA A 92 16.05 -10.44 -14.12
N THR A 93 15.02 -9.88 -14.76
CA THR A 93 14.41 -8.67 -14.21
C THR A 93 13.12 -8.90 -13.44
N GLY A 94 12.61 -10.13 -13.46
CA GLY A 94 11.42 -10.48 -12.68
C GLY A 94 10.24 -10.91 -13.52
N GLU A 95 9.38 -11.75 -12.95
CA GLU A 95 8.13 -12.10 -13.60
C GLU A 95 7.11 -10.99 -13.48
N LEU A 96 6.17 -10.97 -14.40
CA LEU A 96 5.09 -10.02 -14.38
C LEU A 96 4.17 -10.29 -13.19
N PRO A 97 3.38 -9.30 -12.77
CA PRO A 97 2.39 -9.52 -11.71
C PRO A 97 1.44 -10.70 -11.98
N VAL A 98 0.97 -11.31 -10.90
CA VAL A 98 0.03 -12.42 -10.96
C VAL A 98 -1.20 -11.92 -11.69
N LEU A 99 -1.71 -12.73 -12.60
CA LEU A 99 -2.90 -12.42 -13.37
C LEU A 99 -4.14 -12.94 -12.64
N GLU A 100 -5.21 -12.14 -12.69
CA GLU A 100 -6.51 -12.53 -12.15
C GLU A 100 -6.91 -13.93 -12.62
N GLU A 101 -6.65 -14.22 -13.90
CA GLU A 101 -7.07 -15.49 -14.52
C GLU A 101 -6.26 -16.69 -14.00
N GLU A 102 -5.16 -16.42 -13.31
CA GLU A 102 -4.36 -17.50 -12.71
C GLU A 102 -4.87 -17.97 -11.34
N PHE A 103 -5.86 -17.30 -10.76
CA PHE A 103 -6.32 -17.60 -9.37
C PHE A 103 -7.00 -18.96 -9.20
N GLU A 104 -7.57 -19.46 -10.29
CA GLU A 104 -8.27 -20.73 -10.33
C GLU A 104 -7.32 -21.86 -10.71
N VAL A 105 -6.24 -21.52 -11.41
CA VAL A 105 -5.42 -22.50 -12.11
C VAL A 105 -4.69 -23.46 -11.18
N VAL A 106 -4.27 -22.99 -10.01
CA VAL A 106 -3.52 -23.83 -9.08
C VAL A 106 -4.42 -24.98 -8.60
N GLU A 107 -5.64 -24.63 -8.20
CA GLU A 107 -6.60 -25.64 -7.73
C GLU A 107 -6.97 -26.64 -8.83
N GLN A 108 -7.25 -26.10 -10.02
CA GLN A 108 -7.68 -26.88 -11.18
C GLN A 108 -6.64 -27.90 -11.61
N LEU A 109 -5.37 -27.49 -11.66
CA LEU A 109 -4.30 -28.40 -12.06
C LEU A 109 -4.08 -29.45 -11.00
N LEU A 110 -4.11 -29.02 -9.73
CA LEU A 110 -3.85 -29.93 -8.62
C LEU A 110 -4.90 -31.02 -8.51
N ALA A 111 -6.13 -30.71 -8.91
CA ALA A 111 -7.26 -31.63 -8.74
C ALA A 111 -7.14 -32.93 -9.55
N THR A 112 -6.30 -32.96 -10.58
CA THR A 112 -6.07 -34.20 -11.33
C THR A 112 -4.63 -34.68 -11.24
N ASP A 113 -3.87 -34.18 -10.27
CA ASP A 113 -2.50 -34.64 -10.01
C ASP A 113 -2.48 -35.77 -8.98
N GLU A 114 -1.85 -36.90 -9.33
CA GLU A 114 -1.87 -38.09 -8.47
C GLU A 114 -1.21 -37.89 -7.11
N ARG A 115 -0.17 -37.07 -7.05
CA ARG A 115 0.48 -36.80 -5.77
C ARG A 115 -0.42 -36.00 -4.84
N TRP A 116 -1.06 -34.95 -5.38
CA TRP A 116 -2.03 -34.15 -4.65
C TRP A 116 -3.21 -35.00 -4.20
N LEU A 117 -3.75 -35.80 -5.11
CA LEU A 117 -4.87 -36.66 -4.78
C LEU A 117 -4.52 -37.65 -3.67
N LYS A 118 -3.28 -38.15 -3.67
CA LYS A 118 -2.87 -39.12 -2.67
C LYS A 118 -2.78 -38.44 -1.30
N ALA A 119 -2.33 -37.19 -1.30
CA ALA A 119 -2.22 -36.42 -0.07
C ALA A 119 -3.59 -36.14 0.53
N LEU A 120 -4.57 -35.85 -0.32
CA LEU A 120 -5.91 -35.54 0.15
C LEU A 120 -6.58 -36.81 0.65
N ALA A 121 -6.35 -37.93 -0.04
CA ALA A 121 -6.94 -39.21 0.36
C ALA A 121 -6.37 -39.68 1.71
N ALA A 122 -5.11 -39.37 1.99
CA ALA A 122 -4.51 -39.69 3.29
C ALA A 122 -5.21 -38.98 4.45
N ARG A 123 -5.83 -37.84 4.16
CA ARG A 123 -6.54 -36.99 5.12
C ARG A 123 -8.06 -37.11 5.02
N ASN A 124 -8.53 -38.02 4.16
CA ASN A 124 -9.96 -38.26 3.94
C ASN A 124 -10.74 -37.01 3.55
N LEU A 125 -10.12 -36.22 2.67
CA LEU A 125 -10.69 -34.99 2.17
C LEU A 125 -11.17 -35.16 0.72
N ASP A 126 -12.41 -34.77 0.49
CA ASP A 126 -13.03 -34.79 -0.82
C ASP A 126 -12.43 -33.65 -1.67
N VAL A 127 -11.79 -34.02 -2.77
CA VAL A 127 -11.15 -33.05 -3.66
C VAL A 127 -12.09 -31.93 -4.11
N SER A 128 -13.38 -32.23 -4.30
CA SER A 128 -14.34 -31.20 -4.71
C SER A 128 -14.53 -30.11 -3.64
N LYS A 129 -14.15 -30.41 -2.39
CA LYS A 129 -14.28 -29.46 -1.29
C LYS A 129 -12.98 -28.72 -0.93
N VAL A 130 -11.89 -29.03 -1.62
CA VAL A 130 -10.58 -28.44 -1.27
C VAL A 130 -10.26 -27.21 -2.11
N ARG A 131 -10.27 -26.06 -1.47
CA ARG A 131 -9.87 -24.81 -2.09
C ARG A 131 -8.36 -24.65 -2.03
N VAL A 132 -7.77 -24.11 -3.07
CA VAL A 132 -6.34 -23.90 -3.09
C VAL A 132 -6.06 -22.44 -3.38
N ALA A 133 -5.40 -21.80 -2.43
CA ALA A 133 -4.99 -20.43 -2.57
C ALA A 133 -3.80 -20.34 -3.54
N PRO A 134 -3.90 -19.44 -4.51
CA PRO A 134 -2.83 -19.20 -5.48
C PRO A 134 -1.84 -18.15 -5.00
N LEU A 135 -0.72 -18.62 -4.48
CA LEU A 135 0.11 -17.80 -3.63
C LEU A 135 1.41 -17.49 -4.32
N SER A 136 1.90 -16.26 -4.19
CA SER A 136 3.18 -15.91 -4.80
C SER A 136 4.30 -16.81 -4.27
N ALA A 137 5.29 -17.07 -5.11
CA ALA A 137 6.28 -18.10 -4.87
C ALA A 137 7.57 -17.58 -4.24
N GLY A 138 7.90 -16.33 -4.52
CA GLY A 138 9.20 -15.80 -4.13
C GLY A 138 10.36 -16.53 -4.81
N VAL A 139 11.53 -16.45 -4.19
CA VAL A 139 12.78 -16.97 -4.73
C VAL A 139 13.52 -17.71 -3.61
N PHE A 140 13.62 -19.03 -3.76
CA PHE A 140 14.28 -19.89 -2.78
C PHE A 140 15.28 -20.80 -3.49
N GLU A 141 15.31 -22.09 -3.20
CA GLU A 141 16.44 -22.94 -3.61
C GLU A 141 16.13 -23.76 -4.86
N TYR A 142 14.96 -23.55 -5.45
CA TYR A 142 14.46 -24.42 -6.53
C TYR A 142 14.92 -23.91 -7.90
N ALA A 143 16.04 -24.46 -8.39
CA ALA A 143 16.69 -23.93 -9.62
C ALA A 143 15.77 -23.92 -10.85
N GLU A 144 14.87 -24.90 -10.92
CA GLU A 144 13.97 -25.06 -12.07
C GLU A 144 12.92 -23.95 -12.20
N GLU A 145 12.72 -23.17 -11.15
CA GLU A 145 11.74 -22.08 -11.14
C GLU A 145 12.26 -20.80 -11.79
N ARG A 146 13.56 -20.71 -12.02
CA ARG A 146 14.16 -19.48 -12.53
C ARG A 146 13.77 -19.28 -14.00
N GLY A 147 13.07 -18.18 -14.28
CA GLY A 147 12.48 -17.92 -15.58
C GLY A 147 11.10 -18.52 -15.86
N ARG A 148 10.54 -19.22 -14.88
CA ARG A 148 9.21 -19.81 -14.99
C ARG A 148 8.21 -19.08 -14.08
N ARG A 149 6.95 -18.95 -14.54
CA ARG A 149 5.88 -18.36 -13.72
C ARG A 149 5.31 -19.44 -12.82
N ILE A 150 5.65 -19.37 -11.54
CA ILE A 150 5.25 -20.35 -10.55
C ILE A 150 4.28 -19.73 -9.55
N LEU A 151 3.25 -20.48 -9.18
CA LEU A 151 2.49 -20.18 -7.98
C LEU A 151 2.54 -21.39 -7.05
N ARG A 152 2.47 -21.14 -5.75
CA ARG A 152 2.40 -22.20 -4.75
C ARG A 152 0.97 -22.28 -4.21
N GLY A 153 0.57 -23.47 -3.79
CA GLY A 153 -0.79 -23.69 -3.36
C GLY A 153 -0.83 -24.25 -1.95
N LEU A 154 -1.62 -23.62 -1.09
CA LEU A 154 -1.95 -24.15 0.23
C LEU A 154 -3.44 -24.44 0.24
N ALA A 155 -3.80 -25.55 0.87
CA ALA A 155 -5.17 -26.06 0.81
C ALA A 155 -5.99 -25.73 2.06
N PHE A 156 -7.29 -25.46 1.83
CA PHE A 156 -8.28 -25.15 2.85
C PHE A 156 -9.59 -25.82 2.47
N VAL A 157 -10.21 -26.52 3.42
CA VAL A 157 -11.44 -27.23 3.15
C VAL A 157 -12.68 -26.34 3.31
N GLN A 158 -13.57 -26.41 2.32
CA GLN A 158 -14.82 -25.70 2.33
C GLN A 158 -15.94 -26.75 2.41
N ASP A 159 -16.61 -26.84 3.55
CA ASP A 159 -17.62 -27.90 3.81
C ASP A 159 -18.86 -27.78 2.94
N PHE A 160 -19.17 -26.56 2.54
CA PHE A 160 -20.32 -26.28 1.69
C PHE A 160 -20.09 -24.92 1.02
N PRO A 161 -20.85 -24.57 -0.02
CA PRO A 161 -20.60 -23.35 -0.80
C PRO A 161 -20.37 -22.05 -0.01
N GLU A 162 -21.10 -21.86 1.10
CA GLU A 162 -21.03 -20.62 1.88
C GLU A 162 -20.07 -20.69 3.10
N ASP A 163 -19.29 -21.75 3.20
CA ASP A 163 -18.43 -21.99 4.35
C ASP A 163 -17.15 -21.20 4.23
N SER A 164 -16.62 -20.77 5.37
CA SER A 164 -15.34 -20.08 5.41
C SER A 164 -14.20 -21.09 5.46
N ALA A 165 -13.49 -21.25 4.35
CA ALA A 165 -12.50 -22.31 4.22
C ALA A 165 -11.31 -22.08 5.15
N TRP A 166 -11.09 -20.83 5.52
CA TRP A 166 -9.97 -20.44 6.39
C TRP A 166 -10.02 -21.15 7.77
N ALA A 167 -11.20 -21.58 8.16
CA ALA A 167 -11.36 -22.35 9.40
C ALA A 167 -10.75 -23.76 9.34
N HIS A 168 -10.46 -24.24 8.13
CA HIS A 168 -10.09 -25.63 7.90
C HIS A 168 -8.80 -25.76 7.08
N PRO A 169 -7.68 -25.20 7.56
CA PRO A 169 -6.43 -25.33 6.83
C PRO A 169 -5.96 -26.77 6.80
N VAL A 170 -5.34 -27.18 5.68
CA VAL A 170 -4.74 -28.51 5.54
C VAL A 170 -3.23 -28.35 5.65
N ASP A 171 -2.72 -28.57 6.86
CA ASP A 171 -1.32 -28.32 7.13
C ASP A 171 -0.52 -29.55 6.74
N GLY A 172 0.77 -29.36 6.54
CA GLY A 172 1.67 -30.43 6.19
C GLY A 172 1.74 -30.68 4.70
N LEU A 173 1.10 -29.82 3.92
CA LEU A 173 0.96 -30.02 2.49
C LEU A 173 1.10 -28.70 1.74
N VAL A 174 1.94 -28.71 0.71
CA VAL A 174 2.09 -27.58 -0.20
C VAL A 174 2.45 -28.09 -1.59
N ALA A 175 2.01 -27.39 -2.63
CA ALA A 175 2.33 -27.74 -4.00
C ALA A 175 2.80 -26.53 -4.79
N TYR A 176 3.62 -26.79 -5.80
CA TYR A 176 4.16 -25.75 -6.67
C TYR A 176 3.70 -26.05 -8.09
N VAL A 177 3.31 -25.01 -8.83
CA VAL A 177 2.69 -25.16 -10.15
C VAL A 177 3.25 -24.14 -11.15
N ASP A 178 3.56 -24.61 -12.35
CA ASP A 178 3.92 -23.76 -13.48
C ASP A 178 2.61 -23.39 -14.18
N VAL A 179 2.19 -22.14 -14.02
CA VAL A 179 0.88 -21.73 -14.55
C VAL A 179 0.83 -21.44 -16.06
N VAL A 180 1.98 -21.46 -16.73
CA VAL A 180 2.01 -21.27 -18.18
C VAL A 180 2.03 -22.62 -18.89
N SER A 181 2.98 -23.49 -18.53
CA SER A 181 3.03 -24.82 -19.10
C SER A 181 1.96 -25.74 -18.51
N LYS A 182 1.29 -25.26 -17.46
CA LYS A 182 0.20 -25.99 -16.80
C LYS A 182 0.66 -27.35 -16.32
N GLU A 183 1.76 -27.34 -15.55
CA GLU A 183 2.36 -28.54 -14.94
C GLU A 183 2.54 -28.37 -13.44
N VAL A 184 2.40 -29.47 -12.70
CA VAL A 184 2.68 -29.46 -11.26
C VAL A 184 4.14 -29.88 -11.03
N THR A 185 4.98 -28.95 -10.56
CA THR A 185 6.40 -29.23 -10.45
C THR A 185 6.77 -30.01 -9.20
N ARG A 186 6.11 -29.71 -8.08
CA ARG A 186 6.37 -30.40 -6.83
C ARG A 186 5.13 -30.51 -5.95
N VAL A 187 5.01 -31.62 -5.25
CA VAL A 187 4.02 -31.76 -4.17
C VAL A 187 4.75 -32.24 -2.93
N ILE A 188 4.69 -31.45 -1.86
CA ILE A 188 5.40 -31.75 -0.63
C ILE A 188 4.39 -32.08 0.46
N ASP A 189 4.54 -33.28 1.03
CA ASP A 189 3.70 -33.72 2.12
C ASP A 189 4.60 -34.12 3.29
N THR A 190 4.67 -33.26 4.32
CA THR A 190 5.51 -33.54 5.50
C THR A 190 4.81 -34.37 6.58
N GLY A 191 3.55 -34.71 6.36
CA GLY A 191 2.79 -35.51 7.30
C GLY A 191 1.45 -34.88 7.56
N VAL A 192 0.52 -35.71 7.99
CA VAL A 192 -0.83 -35.28 8.26
C VAL A 192 -0.89 -34.48 9.58
N PHE A 193 -1.69 -33.43 9.56
CA PHE A 193 -2.11 -32.70 10.75
C PHE A 193 -3.63 -32.77 10.77
N PRO A 194 -4.24 -32.77 11.95
CA PRO A 194 -5.70 -32.69 12.02
C PRO A 194 -6.18 -31.42 11.32
N VAL A 195 -7.19 -31.53 10.48
CA VAL A 195 -7.79 -30.35 9.89
C VAL A 195 -8.78 -29.82 10.91
N PRO A 196 -8.59 -28.59 11.38
CA PRO A 196 -9.47 -28.04 12.41
C PRO A 196 -10.94 -28.11 12.00
N ALA A 197 -11.80 -28.49 12.94
CA ALA A 197 -13.18 -28.86 12.65
C ALA A 197 -14.23 -27.75 12.85
N GLU A 198 -14.02 -26.87 13.82
CA GLU A 198 -15.00 -25.81 14.09
C GLU A 198 -15.13 -24.90 12.89
N HIS A 199 -16.35 -24.51 12.57
CA HIS A 199 -16.55 -23.53 11.50
C HIS A 199 -16.24 -22.11 11.98
N GLY A 200 -16.04 -21.23 11.01
CA GLY A 200 -15.71 -19.83 11.23
C GLY A 200 -16.65 -18.93 10.48
N ASN A 201 -17.92 -19.33 10.47
CA ASN A 201 -18.96 -18.63 9.73
C ASN A 201 -19.61 -17.53 10.57
N TYR A 202 -19.07 -16.33 10.39
CA TYR A 202 -19.44 -15.15 11.16
C TYR A 202 -20.82 -14.58 10.78
N THR A 203 -21.51 -15.14 9.78
CA THR A 203 -22.95 -14.82 9.59
C THR A 203 -23.89 -15.91 10.07
N ASP A 204 -23.36 -17.02 10.56
CA ASP A 204 -24.19 -18.11 11.11
C ASP A 204 -24.74 -17.73 12.49
N PRO A 205 -26.08 -17.64 12.64
CA PRO A 205 -26.68 -17.34 13.95
C PRO A 205 -26.22 -18.23 15.11
N GLU A 206 -25.86 -19.48 14.85
CA GLU A 206 -25.34 -20.37 15.90
C GLU A 206 -24.07 -19.83 16.56
N LEU A 207 -23.24 -19.15 15.78
CA LEU A 207 -21.97 -18.60 16.28
C LEU A 207 -22.11 -17.14 16.76
N THR A 208 -22.87 -16.32 16.03
CA THR A 208 -23.07 -14.91 16.42
C THR A 208 -23.95 -14.80 17.66
N GLY A 209 -24.86 -15.76 17.84
CA GLY A 209 -25.99 -15.61 18.75
C GLY A 209 -26.96 -14.57 18.23
N PRO A 210 -27.97 -14.22 19.03
CA PRO A 210 -28.95 -13.19 18.65
C PRO A 210 -28.25 -11.85 18.41
N LEU A 211 -28.51 -11.23 17.28
CA LEU A 211 -27.89 -9.95 16.97
C LEU A 211 -28.38 -8.88 17.93
N ARG A 212 -27.48 -7.96 18.31
CA ARG A 212 -27.82 -6.86 19.21
C ARG A 212 -28.92 -6.02 18.67
N THR A 213 -29.83 -5.60 19.55
CA THR A 213 -30.88 -4.65 19.20
C THR A 213 -30.67 -3.33 19.90
N THR A 214 -29.46 -3.12 20.43
CA THR A 214 -29.19 -1.97 21.32
C THR A 214 -28.62 -0.74 20.61
N GLN A 215 -28.17 -0.90 19.36
CA GLN A 215 -27.55 0.20 18.66
C GLN A 215 -28.61 1.09 18.02
N LYS A 216 -28.72 2.31 18.54
CA LYS A 216 -29.57 3.34 17.95
C LYS A 216 -28.84 4.04 16.82
N PRO A 217 -29.56 4.50 15.81
CA PRO A 217 -28.93 5.14 14.64
C PRO A 217 -28.11 6.39 14.94
N ILE A 218 -27.04 6.54 14.14
CA ILE A 218 -26.27 7.77 14.07
C ILE A 218 -26.44 8.29 12.64
N SER A 219 -26.93 9.51 12.52
CA SER A 219 -27.21 10.10 11.22
C SER A 219 -26.22 11.24 11.01
N ILE A 220 -25.41 11.13 9.96
CA ILE A 220 -24.48 12.19 9.59
C ILE A 220 -24.90 12.73 8.23
N THR A 221 -25.30 14.00 8.21
CA THR A 221 -25.78 14.64 6.99
C THR A 221 -25.13 16.00 6.81
N GLN A 222 -25.17 16.48 5.58
CA GLN A 222 -24.70 17.81 5.24
C GLN A 222 -25.84 18.44 4.43
N PRO A 223 -26.69 19.22 5.08
CA PRO A 223 -27.90 19.72 4.41
C PRO A 223 -27.62 20.72 3.28
N GLU A 224 -26.45 21.37 3.28
CA GLU A 224 -26.04 22.24 2.18
C GLU A 224 -25.01 21.59 1.23
N GLY A 225 -24.81 20.27 1.38
CA GLY A 225 -23.80 19.56 0.62
C GLY A 225 -22.40 19.70 1.25
N PRO A 226 -21.40 19.10 0.62
CA PRO A 226 -20.03 19.10 1.15
C PRO A 226 -19.31 20.43 0.90
N SER A 227 -18.25 20.66 1.66
CA SER A 227 -17.46 21.88 1.57
C SER A 227 -16.38 21.78 0.53
N PHE A 228 -16.14 20.59 -0.01
CA PHE A 228 -15.18 20.44 -1.09
C PHE A 228 -15.86 20.47 -2.46
N THR A 229 -15.12 20.90 -3.47
CA THR A 229 -15.53 20.84 -4.87
C THR A 229 -14.68 19.82 -5.61
N VAL A 230 -15.27 19.21 -6.61
CA VAL A 230 -14.58 18.34 -7.53
C VAL A 230 -14.76 18.90 -8.95
N THR A 231 -13.66 19.17 -9.62
CA THR A 231 -13.68 19.62 -11.01
C THR A 231 -12.69 18.80 -11.82
N GLY A 232 -12.89 18.76 -13.14
CA GLY A 232 -12.04 17.97 -14.00
C GLY A 232 -12.03 16.48 -13.64
N GLY A 233 -13.10 15.99 -13.03
CA GLY A 233 -13.22 14.60 -12.63
C GLY A 233 -12.56 14.23 -11.31
N ASN A 234 -11.43 14.85 -10.99
CA ASN A 234 -10.63 14.40 -9.85
C ASN A 234 -9.79 15.47 -9.19
N HIS A 235 -10.05 16.72 -9.52
CA HIS A 235 -9.36 17.81 -8.86
C HIS A 235 -10.20 18.26 -7.67
N ILE A 236 -9.62 18.19 -6.48
CA ILE A 236 -10.29 18.54 -5.25
C ILE A 236 -9.81 19.90 -4.72
N GLU A 237 -10.76 20.69 -4.24
CA GLU A 237 -10.47 21.92 -3.52
C GLU A 237 -11.26 21.93 -2.22
N TRP A 238 -10.57 22.07 -1.10
CA TRP A 238 -11.19 21.95 0.22
C TRP A 238 -10.40 22.70 1.29
N GLU A 239 -11.01 23.72 1.89
CA GLU A 239 -10.45 24.44 3.03
C GLU A 239 -8.96 24.78 2.86
N LYS A 240 -8.67 25.40 1.71
CA LYS A 240 -7.36 25.90 1.28
C LYS A 240 -6.51 24.84 0.59
N TRP A 241 -6.84 23.56 0.76
CA TRP A 241 -6.11 22.51 0.09
C TRP A 241 -6.54 22.37 -1.36
N SER A 242 -5.58 21.94 -2.17
CA SER A 242 -5.74 21.69 -3.59
C SER A 242 -4.99 20.38 -3.87
N LEU A 243 -5.62 19.43 -4.56
CA LEU A 243 -4.94 18.22 -5.02
C LEU A 243 -5.72 17.53 -6.14
N ASP A 244 -5.08 16.54 -6.76
CA ASP A 244 -5.70 15.67 -7.74
C ASP A 244 -5.63 14.23 -7.23
N VAL A 245 -6.75 13.53 -7.33
CA VAL A 245 -6.85 12.16 -6.86
C VAL A 245 -6.69 11.22 -8.05
N GLY A 246 -5.53 10.59 -8.12
CA GLY A 246 -5.22 9.58 -9.11
C GLY A 246 -5.58 8.19 -8.63
N PHE A 247 -5.53 7.25 -9.56
CA PHE A 247 -5.73 5.85 -9.25
C PHE A 247 -4.93 5.01 -10.24
N ASP A 248 -4.18 4.08 -9.68
CA ASP A 248 -3.34 3.19 -10.44
C ASP A 248 -3.63 1.76 -9.98
N VAL A 249 -3.64 0.82 -10.91
CA VAL A 249 -4.03 -0.55 -10.62
C VAL A 249 -3.06 -1.22 -9.62
N ARG A 250 -1.80 -0.81 -9.67
CA ARG A 250 -0.81 -1.32 -8.73
C ARG A 250 -0.91 -0.64 -7.36
N GLU A 251 -0.76 0.68 -7.33
CA GLU A 251 -0.65 1.42 -6.08
C GLU A 251 -1.98 1.74 -5.42
N GLY A 252 -3.05 1.77 -6.18
CA GLY A 252 -4.34 2.21 -5.68
C GLY A 252 -4.47 3.72 -5.80
N VAL A 253 -5.11 4.34 -4.81
CA VAL A 253 -5.26 5.80 -4.79
C VAL A 253 -3.91 6.48 -4.65
N VAL A 254 -3.64 7.43 -5.53
CA VAL A 254 -2.40 8.19 -5.54
C VAL A 254 -2.78 9.66 -5.50
N LEU A 255 -2.14 10.45 -4.63
CA LEU A 255 -2.44 11.88 -4.54
C LEU A 255 -1.36 12.67 -5.26
N HIS A 256 -1.79 13.63 -6.08
CA HIS A 256 -0.90 14.46 -6.87
C HIS A 256 -1.08 15.93 -6.49
N ASN A 257 0.00 16.68 -6.52
CA ASN A 257 -0.06 18.14 -6.43
C ASN A 257 -0.75 18.64 -5.16
N ILE A 258 -0.38 18.06 -4.02
CA ILE A 258 -0.95 18.51 -2.76
C ILE A 258 -0.35 19.88 -2.47
N ALA A 259 -1.20 20.87 -2.33
CA ALA A 259 -0.79 22.25 -2.16
C ALA A 259 -1.80 22.96 -1.26
N PHE A 260 -1.38 24.08 -0.68
CA PHE A 260 -2.20 24.80 0.27
C PHE A 260 -2.20 26.30 -0.13
N ARG A 261 -3.38 26.90 -0.21
CA ARG A 261 -3.53 28.30 -0.62
C ARG A 261 -3.39 29.17 0.61
N ASP A 262 -2.22 29.78 0.74
CA ASP A 262 -1.88 30.62 1.86
C ASP A 262 -1.97 32.06 1.39
N GLY A 263 -3.07 32.72 1.73
CA GLY A 263 -3.36 34.04 1.23
C GLY A 263 -3.63 33.90 -0.25
N ASP A 264 -2.82 34.56 -1.07
CA ASP A 264 -3.04 34.55 -2.51
C ASP A 264 -2.20 33.51 -3.23
N ARG A 265 -1.24 32.89 -2.53
CA ARG A 265 -0.26 32.01 -3.14
C ARG A 265 -0.61 30.54 -2.91
N LEU A 266 -0.64 29.78 -4.00
CA LEU A 266 -0.78 28.33 -3.96
C LEU A 266 0.59 27.73 -3.69
N ARG A 267 0.79 27.18 -2.50
CA ARG A 267 2.10 26.69 -2.08
C ARG A 267 2.12 25.16 -2.15
N PRO A 268 2.95 24.59 -3.04
CA PRO A 268 3.11 23.14 -3.06
C PRO A 268 3.65 22.59 -1.74
N ILE A 269 3.24 21.35 -1.43
CA ILE A 269 3.77 20.65 -0.28
C ILE A 269 4.31 19.27 -0.72
N ILE A 270 3.44 18.45 -1.31
CA ILE A 270 3.85 17.14 -1.83
C ILE A 270 3.43 16.99 -3.29
N ASN A 271 4.37 16.65 -4.14
CA ASN A 271 4.10 16.45 -5.56
C ASN A 271 3.36 15.13 -5.85
N ARG A 272 3.74 14.06 -5.16
CA ARG A 272 3.05 12.79 -5.32
C ARG A 272 3.18 11.96 -4.06
N ALA A 273 2.06 11.41 -3.62
CA ALA A 273 2.01 10.56 -2.43
C ALA A 273 1.30 9.26 -2.79
N SER A 274 1.94 8.16 -2.45
CA SER A 274 1.36 6.85 -2.69
C SER A 274 1.93 5.84 -1.72
N ILE A 275 1.25 4.70 -1.61
CA ILE A 275 1.81 3.51 -1.00
C ILE A 275 2.40 2.71 -2.17
N ALA A 276 3.72 2.71 -2.25
CA ALA A 276 4.44 2.19 -3.41
C ALA A 276 4.77 0.70 -3.30
N GLU A 277 4.62 0.14 -2.11
CA GLU A 277 4.74 -1.29 -1.87
C GLU A 277 4.10 -1.63 -0.52
N MET A 278 3.69 -2.89 -0.38
CA MET A 278 3.30 -3.41 0.90
C MET A 278 3.57 -4.90 0.90
N VAL A 279 4.20 -5.38 1.96
CA VAL A 279 4.58 -6.79 2.02
C VAL A 279 4.10 -7.40 3.32
N VAL A 280 3.73 -8.67 3.26
CA VAL A 280 3.29 -9.42 4.42
C VAL A 280 4.19 -10.64 4.57
N PRO A 281 5.30 -10.50 5.29
CA PRO A 281 6.20 -11.62 5.59
C PRO A 281 5.73 -12.47 6.77
N TYR A 282 5.80 -13.79 6.61
CA TYR A 282 5.38 -14.74 7.66
C TYR A 282 6.59 -15.30 8.41
N GLY A 283 6.40 -15.47 9.71
CA GLY A 283 7.45 -15.80 10.64
C GLY A 283 7.40 -17.22 11.17
N ASP A 284 6.72 -18.12 10.44
CA ASP A 284 6.63 -19.55 10.78
C ASP A 284 7.71 -20.32 10.02
N PRO A 285 8.65 -20.95 10.71
CA PRO A 285 9.71 -21.72 10.05
C PRO A 285 9.28 -23.06 9.46
N SER A 286 8.02 -23.46 9.59
CA SER A 286 7.59 -24.69 8.91
C SER A 286 7.85 -24.57 7.42
N PRO A 287 8.38 -25.63 6.78
CA PRO A 287 8.56 -25.61 5.32
C PRO A 287 7.24 -25.43 4.52
N ILE A 288 6.12 -25.70 5.17
CA ILE A 288 4.83 -25.48 4.52
C ILE A 288 4.57 -23.99 4.24
N ARG A 289 5.12 -23.11 5.09
CA ARG A 289 4.83 -21.68 4.95
C ARG A 289 6.07 -20.79 5.00
N SER A 290 7.28 -21.35 5.11
CA SER A 290 8.44 -20.48 5.38
C SER A 290 8.85 -19.61 4.19
N TRP A 291 8.30 -19.92 3.02
CA TRP A 291 8.49 -19.16 1.77
C TRP A 291 7.47 -18.01 1.59
N GLN A 292 6.53 -17.90 2.51
CA GLN A 292 5.34 -17.02 2.38
C GLN A 292 5.70 -15.56 2.63
N ASN A 293 5.63 -14.73 1.59
CA ASN A 293 5.73 -13.27 1.71
C ASN A 293 4.91 -12.66 0.60
N TYR A 294 3.82 -12.00 0.94
CA TYR A 294 2.93 -11.52 -0.09
C TYR A 294 3.18 -10.02 -0.27
N PHE A 295 3.66 -9.65 -1.45
CA PHE A 295 3.77 -8.25 -1.83
C PHE A 295 2.43 -7.88 -2.46
N ASP A 296 1.51 -7.46 -1.63
CA ASP A 296 0.14 -7.24 -2.10
C ASP A 296 0.13 -6.20 -3.23
N THR A 297 0.93 -5.14 -3.09
CA THR A 297 1.01 -4.09 -4.10
C THR A 297 1.80 -4.55 -5.34
N GLY A 298 3.04 -4.99 -5.15
CA GLY A 298 3.94 -5.30 -6.25
C GLY A 298 3.65 -6.58 -7.02
N GLU A 299 3.19 -7.61 -6.32
CA GLU A 299 2.89 -8.90 -6.94
C GLU A 299 1.43 -9.04 -7.36
N TYR A 300 0.50 -8.57 -6.52
CA TYR A 300 -0.93 -8.78 -6.78
C TYR A 300 -1.66 -7.57 -7.40
N LEU A 301 -1.17 -6.36 -7.14
CA LEU A 301 -1.74 -5.09 -7.62
C LEU A 301 -3.01 -4.74 -6.83
N VAL A 302 -2.86 -3.98 -5.75
CA VAL A 302 -3.99 -3.72 -4.85
C VAL A 302 -5.13 -2.93 -5.47
N GLY A 303 -4.83 -2.05 -6.40
CA GLY A 303 -5.86 -1.31 -7.09
C GLY A 303 -6.87 -2.20 -7.83
N GLN A 304 -6.37 -3.26 -8.45
CA GLN A 304 -7.17 -4.18 -9.26
C GLN A 304 -8.32 -4.80 -8.46
N TYR A 305 -8.11 -4.94 -7.15
CA TYR A 305 -9.07 -5.62 -6.25
C TYR A 305 -9.82 -4.68 -5.31
N ALA A 306 -9.79 -3.38 -5.63
CA ALA A 306 -10.55 -2.39 -4.88
C ALA A 306 -12.00 -2.77 -4.89
N ASN A 307 -12.62 -2.70 -3.71
CA ASN A 307 -14.02 -3.00 -3.53
C ASN A 307 -14.89 -1.87 -4.10
N SER A 308 -16.11 -2.22 -4.53
CA SER A 308 -17.16 -1.23 -4.72
C SER A 308 -17.76 -0.92 -3.34
N LEU A 309 -17.72 0.34 -2.94
CA LEU A 309 -18.04 0.76 -1.58
C LEU A 309 -19.48 1.24 -1.45
N GLU A 310 -20.25 0.56 -0.62
CA GLU A 310 -21.70 0.79 -0.45
C GLU A 310 -21.98 1.93 0.53
N LEU A 311 -22.96 2.77 0.21
CA LEU A 311 -23.28 3.95 1.01
C LEU A 311 -23.92 3.61 2.35
N GLY A 312 -23.60 4.42 3.37
CA GLY A 312 -24.12 4.26 4.72
C GLY A 312 -23.60 3.00 5.38
N CYS A 313 -22.48 2.52 4.86
CA CYS A 313 -22.05 1.18 5.12
C CYS A 313 -20.51 1.12 5.16
N ASP A 314 -19.87 1.22 4.01
CA ASP A 314 -18.42 1.36 3.95
C ASP A 314 -18.00 2.81 4.20
N CYS A 315 -18.81 3.75 3.70
CA CYS A 315 -18.53 5.17 3.86
C CYS A 315 -19.80 5.87 4.30
N LEU A 316 -19.73 6.53 5.45
CA LEU A 316 -20.90 7.12 6.10
C LEU A 316 -20.85 8.65 5.99
N GLY A 317 -22.01 9.25 5.75
CA GLY A 317 -22.12 10.70 5.62
C GLY A 317 -22.47 11.11 4.19
N ASP A 318 -22.12 12.35 3.85
CA ASP A 318 -22.32 12.87 2.50
C ASP A 318 -21.07 12.54 1.68
N ILE A 319 -21.19 11.48 0.89
CA ILE A 319 -20.07 10.90 0.16
C ILE A 319 -20.08 11.26 -1.32
N THR A 320 -18.92 11.65 -1.82
CA THR A 320 -18.68 11.78 -3.26
C THR A 320 -17.75 10.66 -3.70
N TYR A 321 -18.19 9.87 -4.68
CA TYR A 321 -17.43 8.72 -5.15
C TYR A 321 -16.71 9.01 -6.45
N LEU A 322 -15.55 8.39 -6.63
CA LEU A 322 -14.95 8.26 -7.95
C LEU A 322 -15.01 6.79 -8.35
N SER A 323 -15.17 6.55 -9.64
CA SER A 323 -15.25 5.21 -10.18
C SER A 323 -14.15 5.05 -11.20
N PRO A 324 -12.95 4.67 -10.73
CA PRO A 324 -11.79 4.59 -11.61
C PRO A 324 -11.95 3.44 -12.60
N VAL A 325 -11.31 3.59 -13.74
CA VAL A 325 -11.35 2.61 -14.81
C VAL A 325 -9.96 1.99 -14.91
N ILE A 326 -9.94 0.67 -15.05
CA ILE A 326 -8.74 -0.11 -15.29
C ILE A 326 -8.93 -1.02 -16.50
N SER A 327 -7.85 -1.63 -16.98
CA SER A 327 -7.90 -2.59 -18.07
C SER A 327 -8.12 -4.00 -17.55
N ASP A 328 -8.96 -4.77 -18.24
CA ASP A 328 -8.98 -6.22 -18.01
C ASP A 328 -7.80 -6.86 -18.75
N ALA A 329 -7.73 -8.19 -18.73
CA ALA A 329 -6.60 -8.91 -19.31
C ALA A 329 -6.47 -8.74 -20.83
N PHE A 330 -7.54 -8.32 -21.50
CA PHE A 330 -7.52 -8.16 -22.96
C PHE A 330 -7.43 -6.73 -23.44
N GLY A 331 -7.39 -5.77 -22.52
CA GLY A 331 -7.31 -4.35 -22.87
C GLY A 331 -8.64 -3.64 -22.93
N ASN A 332 -9.72 -4.29 -22.53
CA ASN A 332 -11.04 -3.65 -22.44
C ASN A 332 -11.15 -2.91 -21.10
N PRO A 333 -11.75 -1.73 -21.12
CA PRO A 333 -11.95 -0.98 -19.87
C PRO A 333 -12.97 -1.66 -18.95
N ARG A 334 -12.67 -1.63 -17.66
CA ARG A 334 -13.52 -2.16 -16.61
C ARG A 334 -13.59 -1.06 -15.57
N GLU A 335 -14.81 -0.67 -15.20
CA GLU A 335 -15.01 0.34 -14.18
C GLU A 335 -15.09 -0.31 -12.80
N ILE A 336 -14.39 0.27 -11.83
CA ILE A 336 -14.61 -0.06 -10.42
C ILE A 336 -15.59 0.94 -9.85
N ARG A 337 -16.87 0.56 -9.85
CA ARG A 337 -17.95 1.43 -9.42
C ARG A 337 -17.77 1.82 -7.96
N ASN A 338 -17.79 3.12 -7.69
CA ASN A 338 -17.72 3.63 -6.32
C ASN A 338 -16.52 3.05 -5.57
N GLY A 339 -15.39 3.01 -6.26
CA GLY A 339 -14.16 2.45 -5.72
C GLY A 339 -13.38 3.42 -4.84
N ILE A 340 -13.62 4.73 -4.98
CA ILE A 340 -12.95 5.74 -4.15
C ILE A 340 -14.00 6.59 -3.42
N CYS A 341 -13.89 6.67 -2.09
CA CYS A 341 -14.76 7.52 -1.28
C CYS A 341 -14.07 8.81 -0.95
N MET A 342 -14.82 9.90 -1.07
CA MET A 342 -14.35 11.22 -0.67
C MET A 342 -15.43 11.88 0.20
N HIS A 343 -15.02 12.35 1.38
CA HIS A 343 -15.92 13.09 2.26
C HIS A 343 -15.13 13.86 3.30
N GLU A 344 -15.79 14.83 3.92
CA GLU A 344 -15.23 15.55 5.06
C GLU A 344 -15.91 15.11 6.34
N GLU A 345 -15.15 15.12 7.43
CA GLU A 345 -15.59 14.62 8.75
C GLU A 345 -15.25 15.68 9.79
N ASP A 346 -16.13 15.84 10.75
CA ASP A 346 -15.80 16.59 11.94
C ASP A 346 -14.65 15.87 12.66
N TRP A 347 -13.73 16.64 13.24
CA TRP A 347 -12.60 16.07 13.96
C TRP A 347 -12.36 16.76 15.32
N GLY A 348 -13.43 16.95 16.07
CA GLY A 348 -13.36 17.44 17.45
C GLY A 348 -12.87 18.88 17.52
N ILE A 349 -12.22 19.20 18.63
CA ILE A 349 -11.76 20.56 18.87
C ILE A 349 -10.47 20.83 18.11
N LEU A 350 -10.43 21.97 17.43
CA LEU A 350 -9.25 22.44 16.71
C LEU A 350 -8.33 23.27 17.61
N ALA A 351 -8.93 24.22 18.34
CA ALA A 351 -8.22 25.12 19.21
C ALA A 351 -9.18 25.69 20.24
N LYS A 352 -8.69 25.89 21.46
CA LYS A 352 -9.53 26.32 22.53
C LYS A 352 -8.72 27.06 23.59
N HIS A 353 -9.23 28.19 24.04
CA HIS A 353 -8.65 28.85 25.18
C HIS A 353 -9.69 29.70 25.87
N SER A 354 -9.70 29.62 27.21
CA SER A 354 -10.54 30.49 28.03
C SER A 354 -9.59 31.34 28.85
N ASP A 355 -9.48 32.63 28.52
CA ASP A 355 -8.44 33.45 29.12
C ASP A 355 -8.90 34.21 30.35
N LEU A 356 -8.19 34.06 31.46
CA LEU A 356 -8.52 34.70 32.73
C LEU A 356 -8.44 36.23 32.61
N TRP A 357 -7.37 36.72 32.00
CA TRP A 357 -7.13 38.16 31.96
C TRP A 357 -7.96 38.93 30.94
N SER A 358 -8.19 38.36 29.76
CA SER A 358 -8.94 39.07 28.71
C SER A 358 -10.44 38.84 28.83
N GLY A 359 -10.84 37.76 29.51
CA GLY A 359 -12.23 37.38 29.60
C GLY A 359 -12.78 36.69 28.36
N ILE A 360 -11.92 36.46 27.36
CA ILE A 360 -12.37 35.93 26.07
C ILE A 360 -12.30 34.42 26.13
N ASN A 361 -13.43 33.79 25.80
CA ASN A 361 -13.52 32.35 25.61
C ASN A 361 -13.70 32.01 24.15
N TYR A 362 -12.89 31.08 23.66
CA TYR A 362 -12.74 30.83 22.24
C TYR A 362 -12.66 29.34 22.03
N THR A 363 -13.47 28.86 21.10
CA THR A 363 -13.48 27.44 20.73
C THR A 363 -13.70 27.33 19.23
N ARG A 364 -12.89 26.51 18.57
CA ARG A 364 -13.11 26.22 17.15
C ARG A 364 -13.03 24.73 16.93
N ARG A 365 -13.79 24.24 15.95
CA ARG A 365 -13.85 22.81 15.60
C ARG A 365 -12.94 22.52 14.44
N ASN A 366 -12.38 21.31 14.47
CA ASN A 366 -11.56 20.79 13.40
C ASN A 366 -12.38 19.95 12.43
N ARG A 367 -11.83 19.76 11.24
CA ARG A 367 -12.36 18.85 10.24
C ARG A 367 -11.24 18.25 9.45
N ARG A 368 -11.51 17.12 8.83
CA ARG A 368 -10.58 16.55 7.87
C ARG A 368 -11.28 16.08 6.61
N MET A 369 -10.57 16.20 5.49
CA MET A 369 -10.96 15.63 4.23
C MET A 369 -10.39 14.22 4.17
N VAL A 370 -11.23 13.28 3.78
CA VAL A 370 -10.88 11.87 3.72
C VAL A 370 -10.99 11.37 2.29
N ILE A 371 -9.92 10.74 1.80
CA ILE A 371 -9.90 10.06 0.52
C ILE A 371 -9.46 8.63 0.73
N SER A 372 -10.34 7.68 0.43
CA SER A 372 -10.08 6.27 0.75
C SER A 372 -10.53 5.29 -0.31
N PHE A 373 -9.95 4.09 -0.22
CA PHE A 373 -10.43 2.91 -0.91
C PHE A 373 -10.19 1.69 -0.03
N PHE A 374 -10.84 0.59 -0.34
CA PHE A 374 -10.67 -0.68 0.39
C PHE A 374 -10.41 -1.75 -0.63
N THR A 375 -9.46 -2.63 -0.38
CA THR A 375 -9.15 -3.70 -1.30
C THR A 375 -9.19 -5.05 -0.59
N THR A 376 -9.36 -6.11 -1.38
CA THR A 376 -9.34 -7.46 -0.87
C THR A 376 -8.30 -8.28 -1.60
N ILE A 377 -7.40 -8.88 -0.85
CA ILE A 377 -6.33 -9.72 -1.39
C ILE A 377 -6.47 -11.08 -0.69
N GLY A 378 -7.22 -12.00 -1.30
CA GLY A 378 -7.49 -13.29 -0.69
C GLY A 378 -8.20 -13.20 0.65
N ASN A 379 -7.49 -13.57 1.72
CA ASN A 379 -8.07 -13.54 3.07
C ASN A 379 -8.10 -12.12 3.66
N ASP A 381 -8.28 -7.83 4.00
CA ASP A 381 -8.92 -6.65 3.37
C ASP A 381 -8.27 -5.46 4.04
N TYR A 382 -7.86 -4.51 3.21
CA TYR A 382 -7.16 -3.35 3.71
C TYR A 382 -7.87 -2.08 3.23
N GLY A 383 -8.07 -1.14 4.15
CA GLY A 383 -8.49 0.22 3.85
C GLY A 383 -7.30 1.16 3.85
N PHE A 384 -7.20 1.98 2.81
CA PHE A 384 -6.13 2.96 2.65
C PHE A 384 -6.80 4.33 2.76
N TYR A 385 -6.40 5.13 3.74
CA TYR A 385 -7.02 6.41 4.05
C TYR A 385 -6.01 7.53 4.05
N TRP A 386 -6.28 8.58 3.27
CA TRP A 386 -5.52 9.82 3.31
C TRP A 386 -6.40 10.91 3.92
N TYR A 387 -5.80 11.68 4.83
CA TYR A 387 -6.48 12.74 5.56
C TYR A 387 -5.76 14.09 5.38
N LEU A 388 -6.51 15.15 5.09
CA LEU A 388 -5.98 16.50 5.10
C LEU A 388 -6.75 17.23 6.18
N TYR A 389 -6.05 17.92 7.07
CA TYR A 389 -6.68 18.60 8.21
C TYR A 389 -6.65 20.10 8.03
N LEU A 390 -7.51 20.82 8.74
CA LEU A 390 -7.57 22.28 8.57
C LEU A 390 -6.24 22.93 8.88
N ASP A 391 -5.53 22.38 9.85
CA ASP A 391 -4.32 23.01 10.35
C ASP A 391 -3.06 22.72 9.51
N GLY A 392 -3.20 22.05 8.37
CA GLY A 392 -2.08 21.78 7.49
C GLY A 392 -1.51 20.38 7.62
N THR A 393 -1.97 19.64 8.60
CA THR A 393 -1.49 18.26 8.78
C THR A 393 -1.98 17.34 7.66
N ILE A 394 -1.10 16.42 7.24
CA ILE A 394 -1.37 15.40 6.25
C ILE A 394 -1.13 14.06 6.94
N GLU A 395 -2.05 13.12 6.81
CA GLU A 395 -1.90 11.84 7.48
C GLU A 395 -2.33 10.70 6.55
N PHE A 396 -1.68 9.56 6.71
CA PHE A 396 -2.12 8.31 6.11
C PHE A 396 -2.42 7.29 7.22
N GLU A 397 -3.47 6.51 7.01
CA GLU A 397 -3.81 5.42 7.89
C GLU A 397 -4.20 4.21 7.06
N ALA A 398 -3.61 3.06 7.39
CA ALA A 398 -4.04 1.77 6.84
C ALA A 398 -4.87 1.05 7.89
N LYS A 399 -5.99 0.47 7.47
CA LYS A 399 -6.86 -0.32 8.34
C LYS A 399 -6.83 -1.76 7.86
N ALA A 400 -6.34 -2.68 8.69
CA ALA A 400 -6.22 -4.08 8.34
C ALA A 400 -7.32 -4.89 9.00
N THR A 401 -8.02 -5.65 8.16
CA THR A 401 -9.07 -6.55 8.63
C THR A 401 -9.12 -7.76 7.69
N GLY A 402 -10.24 -8.46 7.60
CA GLY A 402 -10.34 -9.71 6.85
C GLY A 402 -10.30 -10.89 7.80
N VAL A 403 -9.83 -12.02 7.28
CA VAL A 403 -9.72 -13.27 8.04
C VAL A 403 -8.24 -13.60 8.10
N VAL A 404 -7.77 -13.95 9.30
CA VAL A 404 -6.34 -14.26 9.43
C VAL A 404 -5.97 -15.52 8.64
N PHE A 405 -4.73 -15.54 8.14
CA PHE A 405 -4.22 -16.72 7.44
C PHE A 405 -3.94 -17.80 8.48
N THR A 406 -4.47 -18.99 8.27
CA THR A 406 -4.43 -20.04 9.27
C THR A 406 -3.54 -21.21 8.92
N SER A 407 -3.29 -22.01 9.95
CA SER A 407 -2.52 -23.24 9.89
C SER A 407 -3.10 -24.18 10.93
N ALA A 408 -2.52 -25.37 11.05
CA ALA A 408 -2.76 -26.17 12.25
C ALA A 408 -2.03 -25.55 13.44
N PHE A 409 -2.55 -25.78 14.63
CA PHE A 409 -1.83 -25.42 15.84
C PHE A 409 -1.16 -26.68 16.36
N PRO A 410 0.17 -26.70 16.41
CA PRO A 410 0.91 -27.91 16.78
C PRO A 410 0.57 -28.39 18.18
N GLU A 411 0.48 -29.70 18.34
CA GLU A 411 0.42 -30.33 19.65
C GLU A 411 1.65 -29.87 20.44
N GLY A 412 1.47 -29.40 21.66
CA GLY A 412 2.59 -28.93 22.44
C GLY A 412 3.05 -27.51 22.12
N GLY A 413 2.25 -26.78 21.35
CA GLY A 413 2.43 -25.35 21.16
C GLY A 413 3.44 -24.95 20.10
N SER A 414 3.65 -23.65 19.99
CA SER A 414 4.53 -23.08 18.98
C SER A 414 5.06 -21.74 19.41
N ASP A 415 6.32 -21.48 19.09
CA ASP A 415 6.91 -20.16 19.28
C ASP A 415 6.60 -19.20 18.13
N ASN A 416 5.98 -19.69 17.05
CA ASN A 416 5.79 -18.88 15.84
C ASN A 416 4.34 -18.85 15.32
N ILE A 417 3.42 -19.40 16.09
CA ILE A 417 2.01 -19.57 15.69
C ILE A 417 1.16 -19.39 16.95
N SER A 418 0.06 -18.66 16.88
CA SER A 418 -0.85 -18.60 18.01
C SER A 418 -2.07 -19.48 17.79
N GLN A 419 -2.70 -19.89 18.88
CA GLN A 419 -3.91 -20.70 18.80
C GLN A 419 -5.15 -19.81 18.80
N LEU A 420 -6.09 -20.08 17.87
CA LEU A 420 -7.32 -19.30 17.71
C LEU A 420 -8.59 -20.05 18.13
N ALA A 421 -8.54 -21.37 17.98
CA ALA A 421 -9.66 -22.27 18.21
C ALA A 421 -9.04 -23.63 18.35
N PRO A 422 -9.77 -24.65 18.78
CA PRO A 422 -9.17 -25.99 18.94
C PRO A 422 -8.51 -26.53 17.67
N GLY A 423 -7.21 -26.72 17.75
CA GLY A 423 -6.43 -27.23 16.64
C GLY A 423 -6.09 -26.20 15.57
N LEU A 424 -6.58 -24.97 15.71
CA LEU A 424 -6.46 -23.94 14.69
C LEU A 424 -5.40 -22.92 15.09
N GLY A 425 -4.41 -22.73 14.22
CA GLY A 425 -3.33 -21.77 14.42
C GLY A 425 -3.35 -20.59 13.46
N ALA A 426 -2.61 -19.55 13.82
CA ALA A 426 -2.39 -18.37 12.99
C ALA A 426 -0.90 -18.00 13.06
N PRO A 427 -0.14 -18.27 12.02
CA PRO A 427 1.29 -17.94 12.03
C PRO A 427 1.52 -16.45 12.20
N PHE A 428 2.56 -16.12 12.94
CA PHE A 428 2.96 -14.74 13.15
C PHE A 428 3.40 -14.14 11.81
N HIS A 429 3.16 -12.86 11.64
CA HIS A 429 3.51 -12.19 10.38
C HIS A 429 3.53 -10.68 10.64
N GLN A 430 3.97 -9.93 9.64
CA GLN A 430 3.93 -8.47 9.65
C GLN A 430 3.21 -7.97 8.40
N HIS A 431 2.71 -6.75 8.44
CA HIS A 431 2.19 -6.07 7.25
C HIS A 431 2.99 -4.79 7.18
N ILE A 432 3.85 -4.65 6.19
CA ILE A 432 4.76 -3.52 6.14
C ILE A 432 4.58 -2.74 4.84
N PHE A 433 4.37 -1.44 5.01
CA PHE A 433 4.02 -0.52 3.95
C PHE A 433 5.23 0.36 3.64
N SER A 434 5.35 0.81 2.41
CA SER A 434 6.27 1.87 2.01
C SER A 434 5.48 3.02 1.40
N ALA A 435 5.52 4.19 2.03
CA ALA A 435 4.92 5.39 1.47
C ALA A 435 6.00 6.14 0.70
N ARG A 436 5.73 6.42 -0.56
CA ARG A 436 6.62 7.19 -1.41
C ARG A 436 6.06 8.59 -1.53
N LEU A 437 6.79 9.55 -0.95
CA LEU A 437 6.41 10.96 -0.87
C LEU A 437 7.44 11.76 -1.67
N ASP A 438 7.09 12.02 -2.92
CA ASP A 438 7.83 12.94 -3.78
C ASP A 438 7.52 14.34 -3.30
N MET A 439 8.46 14.87 -2.52
CA MET A 439 8.28 16.10 -1.81
C MET A 439 8.37 17.31 -2.72
N ALA A 440 7.61 18.34 -2.38
CA ALA A 440 7.73 19.65 -3.05
C ALA A 440 7.42 20.78 -2.09
N ILE A 441 8.15 20.85 -0.97
CA ILE A 441 7.91 21.87 0.03
C ILE A 441 8.22 23.26 -0.55
N ASP A 442 7.17 24.02 -0.81
CA ASP A 442 7.26 25.32 -1.49
C ASP A 442 7.97 25.23 -2.82
N GLY A 443 7.83 24.10 -3.50
CA GLY A 443 8.54 23.82 -4.73
C GLY A 443 9.51 22.67 -4.55
N PHE A 444 10.31 22.42 -5.59
CA PHE A 444 11.12 21.20 -5.66
C PHE A 444 12.48 21.22 -4.96
N THR A 445 13.01 22.40 -4.62
CA THR A 445 14.30 22.50 -3.95
C THR A 445 14.17 22.17 -2.46
N ASN A 446 14.34 20.90 -2.11
CA ASN A 446 14.13 20.44 -0.74
C ASN A 446 15.36 19.75 -0.15
N ARG A 447 15.35 19.60 1.18
CA ARG A 447 16.34 18.79 1.89
C ARG A 447 15.66 18.16 3.12
N VAL A 448 16.27 17.12 3.65
CA VAL A 448 15.79 16.41 4.84
C VAL A 448 16.82 16.50 5.96
N GLU A 449 16.33 16.80 7.15
CA GLU A 449 17.10 16.75 8.38
C GLU A 449 16.48 15.73 9.31
N GLU A 450 17.33 15.02 10.02
CA GLU A 450 16.92 14.14 11.11
C GLU A 450 17.02 14.96 12.39
N GLU A 451 15.93 15.03 13.14
CA GLU A 451 15.89 15.81 14.37
C GLU A 451 15.73 14.88 15.57
N ASP A 452 16.66 14.98 16.51
CA ASP A 452 16.63 14.23 17.75
C ASP A 452 16.53 15.21 18.90
N VAL A 453 15.84 14.81 19.95
CA VAL A 453 15.92 15.48 21.25
C VAL A 453 17.35 15.30 21.80
N VAL A 454 17.85 16.34 22.47
CA VAL A 454 19.16 16.32 23.08
C VAL A 454 19.02 16.59 24.57
N ARG A 455 19.41 15.61 25.38
CA ARG A 455 19.45 15.80 26.82
C ARG A 455 20.74 16.52 27.20
N GLN A 456 20.67 17.31 28.25
CA GLN A 456 21.78 18.14 28.71
C GLN A 456 22.13 17.82 30.15
N THR A 457 23.43 17.88 30.44
CA THR A 457 23.96 17.58 31.77
C THR A 457 23.92 18.79 32.67
N MET A 458 23.53 18.56 33.92
CA MET A 458 23.54 19.56 34.98
C MET A 458 25.00 20.02 35.13
N GLY A 459 25.20 21.32 35.17
CA GLY A 459 26.55 21.89 35.22
C GLY A 459 26.48 23.33 34.79
N PRO A 460 27.64 23.93 34.56
CA PRO A 460 27.71 25.32 34.10
C PRO A 460 26.81 25.59 32.89
N GLY A 461 26.02 26.66 32.97
CA GLY A 461 25.04 26.97 31.95
C GLY A 461 23.70 26.28 32.18
N ASN A 462 23.65 25.32 33.10
CA ASN A 462 22.47 24.47 33.32
C ASN A 462 22.49 23.99 34.76
N GLU A 463 22.55 24.93 35.69
CA GLU A 463 22.87 24.63 37.08
C GLU A 463 21.75 23.87 37.80
N ARG A 464 20.51 24.06 37.34
CA ARG A 464 19.38 23.29 37.86
C ARG A 464 19.09 21.98 37.13
N GLY A 465 19.80 21.69 36.04
CA GLY A 465 19.67 20.40 35.37
C GLY A 465 18.29 20.22 34.74
N ASN A 466 17.73 21.32 34.24
CA ASN A 466 16.42 21.29 33.59
C ASN A 466 16.46 21.45 32.08
N ALA A 467 17.56 21.95 31.54
CA ALA A 467 17.61 22.26 30.11
C ALA A 467 17.51 21.00 29.26
N PHE A 468 16.83 21.13 28.14
CA PHE A 468 16.89 20.15 27.07
C PHE A 468 16.77 20.87 25.75
N SER A 469 17.25 20.23 24.70
CA SER A 469 17.37 20.87 23.42
C SER A 469 17.06 19.85 22.31
N ARG A 470 17.51 20.15 21.11
CA ARG A 470 17.38 19.26 19.97
C ARG A 470 18.48 19.57 18.99
N LYS A 471 18.71 18.60 18.10
CA LYS A 471 19.71 18.75 17.05
C LYS A 471 19.12 18.29 15.72
N ARG A 472 19.59 18.90 14.64
CA ARG A 472 19.19 18.54 13.30
C ARG A 472 20.44 18.21 12.50
N THR A 473 20.38 17.12 11.75
CA THR A 473 21.47 16.68 10.89
C THR A 473 20.95 16.62 9.47
N VAL A 474 21.50 17.44 8.58
CA VAL A 474 21.11 17.43 7.19
C VAL A 474 21.65 16.16 6.54
N LEU A 475 20.79 15.51 5.76
CA LEU A 475 21.16 14.35 4.98
C LEU A 475 21.59 14.88 3.61
N THR A 476 22.89 14.84 3.35
CA THR A 476 23.42 15.58 2.21
C THR A 476 23.47 14.76 0.93
N ARG A 477 23.71 13.46 1.04
CA ARG A 477 23.80 12.57 -0.13
C ARG A 477 23.10 11.25 0.15
N GLU A 478 22.72 10.55 -0.91
CA GLU A 478 21.92 9.34 -0.71
C GLU A 478 22.61 8.30 0.18
N SER A 479 23.94 8.23 0.16
CA SER A 479 24.65 7.25 0.99
C SER A 479 24.44 7.47 2.49
N GLU A 480 24.06 8.68 2.88
CA GLU A 480 23.84 9.05 4.28
C GLU A 480 22.36 9.07 4.65
N ALA A 481 21.48 8.68 3.73
CA ALA A 481 20.05 8.95 3.92
C ALA A 481 19.20 7.71 4.13
N VAL A 482 19.80 6.64 4.63
CA VAL A 482 19.07 5.45 5.05
C VAL A 482 19.07 5.44 6.58
N ARG A 483 17.90 5.75 7.14
CA ARG A 483 17.79 6.08 8.56
C ARG A 483 16.88 5.14 9.31
N GLU A 484 17.15 4.99 10.60
CA GLU A 484 16.31 4.19 11.48
C GLU A 484 15.59 5.10 12.51
N ALA A 485 14.51 4.57 13.06
CA ALA A 485 13.77 5.21 14.13
C ALA A 485 14.59 5.27 15.42
N ASP A 486 14.28 6.27 16.25
CA ASP A 486 14.76 6.29 17.63
C ASP A 486 13.69 6.95 18.49
N ALA A 487 12.72 6.16 18.92
CA ALA A 487 11.57 6.68 19.66
C ALA A 487 12.00 7.33 20.97
N ARG A 488 12.99 6.75 21.62
CA ARG A 488 13.45 7.25 22.92
C ARG A 488 13.98 8.68 22.88
N THR A 489 14.57 9.04 21.74
CA THR A 489 15.06 10.41 21.52
C THR A 489 14.11 11.26 20.70
N GLY A 490 12.87 10.80 20.51
CA GLY A 490 11.88 11.56 19.81
C GLY A 490 12.25 11.91 18.37
N ARG A 491 12.94 10.99 17.71
CA ARG A 491 13.41 11.24 16.36
C ARG A 491 12.31 11.44 15.32
N THR A 492 12.42 12.55 14.60
CA THR A 492 11.58 12.86 13.46
C THR A 492 12.47 13.30 12.29
N TRP A 493 11.86 13.53 11.14
CA TRP A 493 12.57 14.00 9.97
C TRP A 493 11.83 15.20 9.40
N ILE A 494 12.56 16.28 9.15
CA ILE A 494 11.99 17.52 8.61
C ILE A 494 12.38 17.68 7.16
N ILE A 495 11.40 17.89 6.30
CA ILE A 495 11.65 18.23 4.90
C ILE A 495 11.45 19.73 4.78
N SER A 496 12.49 20.44 4.36
CA SER A 496 12.43 21.89 4.26
C SER A 496 12.89 22.36 2.89
N ASN A 497 12.61 23.62 2.62
CA ASN A 497 13.11 24.28 1.40
C ASN A 497 14.12 25.34 1.87
N PRO A 498 15.40 25.12 1.63
CA PRO A 498 16.43 26.05 2.11
C PRO A 498 16.40 27.42 1.42
N GLU A 499 15.68 27.55 0.31
CA GLU A 499 15.57 28.83 -0.42
C GLU A 499 14.25 29.57 -0.20
N SER A 500 13.36 28.99 0.62
CA SER A 500 12.11 29.62 0.94
C SER A 500 11.99 29.77 2.45
N LYS A 501 12.00 31.02 2.91
CA LYS A 501 12.01 31.32 4.32
C LYS A 501 10.68 31.92 4.78
N ASN A 502 10.31 31.65 6.03
CA ASN A 502 9.12 32.26 6.60
C ASN A 502 9.47 33.67 7.08
N ARG A 503 8.50 34.35 7.67
CA ARG A 503 8.71 35.75 8.07
C ARG A 503 9.75 35.91 9.19
N LEU A 504 10.07 34.81 9.86
CA LEU A 504 11.12 34.81 10.89
C LEU A 504 12.49 34.40 10.37
N ASN A 505 12.66 34.44 9.05
CA ASN A 505 13.91 34.09 8.36
C ASN A 505 14.36 32.63 8.58
N GLU A 506 13.40 31.74 8.79
CA GLU A 506 13.68 30.31 8.95
C GLU A 506 13.17 29.54 7.72
N PRO A 507 13.91 28.54 7.24
CA PRO A 507 13.42 27.71 6.14
C PRO A 507 12.09 27.05 6.48
N VAL A 508 11.15 27.13 5.56
CA VAL A 508 9.85 26.50 5.71
C VAL A 508 9.99 24.99 5.67
N GLY A 509 9.12 24.28 6.39
CA GLY A 509 9.26 22.85 6.45
C GLY A 509 8.03 22.13 6.93
N TYR A 510 8.10 20.81 6.83
CA TYR A 510 7.10 19.87 7.31
C TYR A 510 7.86 18.76 8.04
N LYS A 511 7.30 18.31 9.17
CA LYS A 511 7.93 17.29 10.03
C LYS A 511 7.13 16.00 9.92
N LEU A 512 7.82 14.92 9.60
CA LEU A 512 7.26 13.59 9.51
C LEU A 512 7.36 12.91 10.89
N HIS A 513 6.21 12.51 11.40
CA HIS A 513 6.07 11.83 12.67
C HIS A 513 5.69 10.38 12.40
N ALA A 514 6.62 9.49 12.71
CA ALA A 514 6.42 8.06 12.51
C ALA A 514 5.86 7.44 13.79
N HIS A 515 5.26 6.25 13.65
CA HIS A 515 4.76 5.50 14.76
C HIS A 515 5.83 4.66 15.47
N ASN A 516 6.97 4.47 14.81
CA ASN A 516 8.12 3.78 15.38
C ASN A 516 7.80 2.33 15.73
N GLN A 517 6.96 1.69 14.91
CA GLN A 517 6.67 0.27 15.03
C GLN A 517 7.89 -0.53 14.52
N PRO A 518 8.04 -1.78 14.94
CA PRO A 518 9.15 -2.59 14.42
C PRO A 518 9.18 -2.70 12.89
N THR A 519 10.40 -2.75 12.35
CA THR A 519 10.60 -2.94 10.93
C THR A 519 10.79 -4.44 10.65
N LEU A 520 11.26 -4.80 9.47
CA LEU A 520 11.29 -6.22 9.07
C LEU A 520 12.13 -7.04 10.07
N LEU A 521 11.54 -8.12 10.58
CA LEU A 521 12.17 -8.92 11.65
C LEU A 521 13.07 -10.03 11.13
N ALA A 522 12.87 -10.45 9.89
CA ALA A 522 13.61 -11.57 9.30
C ALA A 522 15.12 -11.36 9.39
N ASP A 523 15.84 -12.46 9.48
CA ASP A 523 17.31 -12.44 9.47
C ASP A 523 17.80 -11.66 8.24
N PRO A 524 18.82 -10.83 8.41
CA PRO A 524 19.33 -10.03 7.28
C PRO A 524 19.84 -10.84 6.08
N GLY A 525 20.19 -12.12 6.28
CA GLY A 525 20.61 -13.01 5.19
C GLY A 525 19.48 -13.78 4.49
N SER A 526 18.22 -13.52 4.85
CA SER A 526 17.10 -14.19 4.22
C SER A 526 16.78 -13.63 2.84
N SER A 527 16.03 -14.42 2.08
CA SER A 527 15.54 -14.00 0.77
C SER A 527 14.65 -12.77 0.94
N ILE A 528 13.74 -12.80 1.92
CA ILE A 528 12.86 -11.65 2.11
C ILE A 528 13.59 -10.37 2.53
N ALA A 529 14.65 -10.46 3.33
CA ALA A 529 15.39 -9.23 3.68
C ALA A 529 16.04 -8.56 2.46
N ARG A 530 16.38 -9.38 1.46
CA ARG A 530 16.92 -8.87 0.21
C ARG A 530 15.84 -8.36 -0.74
N ARG A 531 14.73 -9.10 -0.84
CA ARG A 531 13.65 -8.72 -1.75
C ARG A 531 12.84 -7.53 -1.22
N ALA A 532 12.75 -7.42 0.10
CA ALA A 532 12.07 -6.30 0.76
C ALA A 532 13.09 -5.50 1.58
N ALA A 533 14.23 -5.19 0.98
CA ALA A 533 15.25 -4.42 1.68
C ALA A 533 14.71 -3.11 2.26
N PHE A 534 13.79 -2.47 1.54
CA PHE A 534 13.22 -1.21 2.00
C PHE A 534 12.65 -1.34 3.41
N ALA A 535 12.16 -2.53 3.72
CA ALA A 535 11.42 -2.80 4.95
C ALA A 535 12.32 -2.91 6.17
N THR A 536 13.62 -2.96 5.96
CA THR A 536 14.60 -3.08 7.06
C THR A 536 14.98 -1.77 7.71
N LYS A 537 14.58 -0.65 7.10
CA LYS A 537 14.91 0.68 7.62
C LYS A 537 13.68 1.60 7.51
N ASP A 538 13.57 2.54 8.44
CA ASP A 538 12.36 3.36 8.55
C ASP A 538 12.24 4.48 7.51
N LEU A 539 13.37 5.00 7.04
CA LEU A 539 13.33 6.19 6.20
C LEU A 539 14.46 6.16 5.20
N TRP A 540 14.14 6.34 3.93
CA TRP A 540 15.10 6.48 2.86
C TRP A 540 14.83 7.79 2.14
N VAL A 541 15.88 8.44 1.64
CA VAL A 541 15.73 9.61 0.82
C VAL A 541 16.54 9.44 -0.47
N THR A 542 15.86 9.58 -1.60
CA THR A 542 16.51 9.56 -2.90
C THR A 542 16.31 10.87 -3.65
N ARG A 543 17.22 11.09 -4.58
CA ARG A 543 17.06 12.10 -5.62
C ARG A 543 16.00 11.60 -6.62
N TYR A 544 15.08 12.47 -7.02
CA TYR A 544 14.00 12.08 -7.91
C TYR A 544 14.55 11.59 -9.24
N ALA A 545 14.01 10.48 -9.73
CA ALA A 545 14.23 10.01 -11.10
C ALA A 545 12.93 9.39 -11.60
N ASP A 546 12.59 9.60 -12.87
CA ASP A 546 11.29 9.15 -13.34
C ASP A 546 11.12 7.64 -13.39
N ASP A 547 12.22 6.89 -13.40
CA ASP A 547 12.14 5.43 -13.44
C ASP A 547 12.29 4.77 -12.05
N GLU A 548 12.34 5.57 -10.99
CA GLU A 548 12.48 5.06 -9.63
C GLU A 548 11.12 5.18 -8.94
N ARG A 549 10.25 4.23 -9.25
CA ARG A 549 8.83 4.28 -8.87
C ARG A 549 8.48 3.48 -7.60
N TYR A 550 9.11 2.33 -7.45
CA TYR A 550 8.77 1.37 -6.37
C TYR A 550 10.00 0.98 -5.59
N PRO A 551 9.89 0.78 -4.27
CA PRO A 551 11.07 0.46 -3.47
C PRO A 551 11.63 -0.92 -3.77
N THR A 552 10.83 -1.73 -4.46
CA THR A 552 11.14 -3.10 -4.88
C THR A 552 11.38 -3.26 -6.38
N GLY A 553 11.40 -2.16 -7.13
CA GLY A 553 11.56 -2.25 -8.58
C GLY A 553 10.26 -2.56 -9.31
N ASP A 554 10.34 -2.64 -10.63
CA ASP A 554 9.15 -2.78 -11.46
C ASP A 554 8.54 -4.16 -11.42
N PHE A 555 9.38 -5.18 -11.31
CA PHE A 555 8.93 -6.56 -11.36
C PHE A 555 9.37 -7.30 -10.09
N VAL A 556 8.42 -7.46 -9.19
CA VAL A 556 8.71 -8.02 -7.87
C VAL A 556 8.55 -9.55 -7.82
N ASN A 557 7.56 -10.05 -8.55
CA ASN A 557 7.23 -11.48 -8.59
C ASN A 557 8.43 -12.35 -8.98
N GLN A 558 8.83 -13.24 -8.07
CA GLN A 558 9.93 -14.18 -8.30
C GLN A 558 11.21 -13.47 -8.69
N HIS A 559 11.39 -12.28 -8.13
CA HIS A 559 12.54 -11.48 -8.45
C HIS A 559 13.44 -11.37 -7.24
N SER A 560 14.70 -11.75 -7.40
CA SER A 560 15.70 -11.65 -6.36
C SER A 560 16.00 -10.17 -6.10
N GLY A 561 16.87 -9.91 -5.12
CA GLY A 561 17.44 -8.59 -4.96
C GLY A 561 18.17 -8.19 -6.23
N GLY A 562 18.46 -6.90 -6.34
CA GLY A 562 19.16 -6.34 -7.50
C GLY A 562 18.57 -5.01 -7.96
N ALA A 563 17.29 -4.81 -7.69
CA ALA A 563 16.59 -3.58 -8.08
C ALA A 563 16.07 -2.84 -6.83
N GLY A 564 15.27 -1.82 -7.03
CA GLY A 564 14.72 -1.08 -5.91
C GLY A 564 15.70 -0.19 -5.17
N LEU A 565 15.31 0.19 -3.96
CA LEU A 565 15.97 1.23 -3.17
C LEU A 565 17.47 1.06 -2.94
N PRO A 566 17.95 -0.15 -2.60
CA PRO A 566 19.40 -0.32 -2.44
C PRO A 566 20.18 0.01 -3.70
N SER A 567 19.61 -0.29 -4.87
CA SER A 567 20.27 0.05 -6.13
C SER A 567 20.18 1.55 -6.43
N TYR A 568 19.05 2.17 -6.13
CA TYR A 568 18.89 3.60 -6.37
C TYR A 568 19.92 4.41 -5.58
N ILE A 569 20.03 4.14 -4.28
CA ILE A 569 20.89 4.96 -3.43
C ILE A 569 22.37 4.78 -3.67
N ALA A 570 22.78 3.67 -4.31
CA ALA A 570 24.19 3.49 -4.72
C ALA A 570 24.72 4.60 -5.63
N GLN A 571 23.82 5.31 -6.30
CA GLN A 571 24.20 6.43 -7.15
C GLN A 571 24.75 7.61 -6.33
N ASP A 572 24.44 7.61 -5.03
CA ASP A 572 25.00 8.56 -4.07
C ASP A 572 24.82 10.02 -4.51
N ARG A 573 23.61 10.33 -4.96
CA ARG A 573 23.33 11.62 -5.57
C ARG A 573 23.13 12.69 -4.50
N ASP A 574 23.35 13.94 -4.88
CA ASP A 574 23.12 15.09 -4.02
C ASP A 574 21.61 15.23 -3.70
N ILE A 575 21.29 15.32 -2.41
CA ILE A 575 19.90 15.51 -1.96
C ILE A 575 19.75 16.73 -1.04
N ASP A 576 20.78 17.58 -1.03
CA ASP A 576 20.80 18.78 -0.21
C ASP A 576 20.38 19.99 -1.04
N GLY A 577 19.07 20.22 -1.09
CA GLY A 577 18.50 21.29 -1.89
C GLY A 577 18.30 20.84 -3.32
N GLN A 578 17.54 19.77 -3.47
CA GLN A 578 17.28 19.14 -4.76
C GLN A 578 15.90 18.52 -4.77
N ASP A 579 15.50 18.00 -5.91
CA ASP A 579 14.20 17.37 -6.08
C ASP A 579 14.33 15.96 -5.49
N ILE A 580 13.74 15.76 -4.31
CA ILE A 580 13.92 14.52 -3.55
C ILE A 580 12.62 13.78 -3.25
N VAL A 581 12.79 12.54 -2.85
CA VAL A 581 11.70 11.62 -2.55
C VAL A 581 12.02 10.94 -1.23
N VAL A 582 11.03 10.93 -0.34
CA VAL A 582 11.13 10.28 0.96
C VAL A 582 10.32 8.97 0.87
N TRP A 583 10.91 7.90 1.34
CA TRP A 583 10.27 6.60 1.34
C TRP A 583 10.23 6.17 2.81
N HIS A 584 9.02 6.14 3.39
CA HIS A 584 8.85 5.80 4.79
C HIS A 584 8.26 4.40 4.93
N THR A 585 8.98 3.54 5.63
CA THR A 585 8.56 2.19 5.96
C THR A 585 7.82 2.22 7.30
N PHE A 586 6.65 1.60 7.33
CA PHE A 586 5.86 1.51 8.57
C PHE A 586 4.99 0.26 8.51
N GLY A 587 4.87 -0.44 9.63
CA GLY A 587 4.15 -1.70 9.60
C GLY A 587 3.53 -2.12 10.90
N LEU A 588 2.70 -3.15 10.81
CA LEU A 588 2.10 -3.81 11.94
C LEU A 588 2.75 -5.16 12.12
N THR A 589 3.13 -5.50 13.35
CA THR A 589 3.61 -6.83 13.68
C THR A 589 2.45 -7.55 14.40
N HIS A 590 2.02 -8.65 13.80
CA HIS A 590 0.77 -9.31 14.20
C HIS A 590 1.04 -10.68 14.78
N PHE A 591 0.77 -10.79 16.07
CA PHE A 591 0.72 -12.08 16.76
C PHE A 591 -0.76 -12.29 16.97
N PRO A 592 -1.42 -13.06 16.10
CA PRO A 592 -2.88 -13.12 16.17
C PRO A 592 -3.41 -13.56 17.53
N ARG A 593 -4.50 -12.91 17.89
CA ARG A 593 -5.17 -13.16 19.15
C ARG A 593 -6.49 -13.88 18.88
N VAL A 594 -7.01 -14.53 19.91
CA VAL A 594 -8.29 -15.21 19.79
C VAL A 594 -9.40 -14.23 19.32
N GLU A 595 -9.30 -12.98 19.73
CA GLU A 595 -10.25 -11.95 19.31
C GLU A 595 -10.23 -11.65 17.81
N ASP A 596 -9.17 -12.07 17.11
CA ASP A 596 -9.05 -11.88 15.68
C ASP A 596 -9.86 -12.90 14.89
N TRP A 597 -10.38 -13.91 15.58
CA TRP A 597 -11.07 -15.05 14.97
C TRP A 597 -12.56 -15.00 15.31
N PRO A 598 -13.48 -15.31 14.39
CA PRO A 598 -13.26 -15.75 13.01
C PRO A 598 -13.13 -14.68 11.94
N ILE A 599 -13.34 -13.42 12.29
CA ILE A 599 -13.08 -12.30 11.40
C ILE A 599 -12.47 -11.21 12.27
N MET A 600 -11.46 -10.55 11.75
CA MET A 600 -10.63 -9.69 12.55
C MET A 600 -11.17 -8.26 12.69
N PRO A 601 -11.25 -7.73 13.90
CA PRO A 601 -11.50 -6.29 14.08
C PRO A 601 -10.35 -5.48 13.51
N VAL A 602 -10.67 -4.32 12.95
CA VAL A 602 -9.68 -3.45 12.34
C VAL A 602 -8.57 -3.11 13.32
N ASP A 603 -7.33 -3.18 12.83
CA ASP A 603 -6.20 -2.56 13.51
C ASP A 603 -5.55 -1.61 12.52
N THR A 604 -4.79 -0.65 13.04
CA THR A 604 -4.31 0.46 12.22
C THR A 604 -2.83 0.73 12.37
N VAL A 605 -2.27 1.34 11.33
CA VAL A 605 -0.93 1.92 11.38
C VAL A 605 -0.87 3.05 10.38
N GLY A 606 0.10 3.94 10.53
CA GLY A 606 0.22 5.06 9.63
C GLY A 606 1.36 5.97 10.00
N PHE A 607 1.24 7.22 9.56
CA PHE A 607 2.20 8.28 9.85
C PHE A 607 1.51 9.61 9.53
N LYS A 608 2.14 10.71 9.93
CA LYS A 608 1.63 12.02 9.54
C LYS A 608 2.75 13.01 9.36
N LEU A 609 2.45 14.10 8.67
CA LEU A 609 3.38 15.20 8.49
C LEU A 609 2.68 16.48 8.93
N ARG A 610 3.35 17.24 9.77
CA ARG A 610 2.79 18.48 10.32
C ARG A 610 3.64 19.66 9.87
N PRO A 611 3.04 20.80 9.56
CA PRO A 611 3.84 21.98 9.22
C PRO A 611 4.80 22.38 10.36
N GLU A 612 5.99 22.82 9.98
CA GLU A 612 7.04 23.16 10.93
C GLU A 612 7.67 24.46 10.42
N GLY A 613 7.10 25.58 10.84
CA GLY A 613 7.53 26.88 10.30
C GLY A 613 7.22 27.07 8.83
N PHE A 614 6.28 26.30 8.30
CA PHE A 614 5.81 26.49 6.92
C PHE A 614 5.02 27.80 6.80
N PHE A 615 4.15 28.01 7.77
CA PHE A 615 3.28 29.17 7.80
C PHE A 615 3.91 30.24 8.69
N ASP A 616 3.39 31.46 8.61
CA ASP A 616 3.91 32.59 9.37
C ASP A 616 3.26 32.78 10.73
N ARG A 617 2.24 31.96 10.97
CA ARG A 617 1.46 31.90 12.22
C ARG A 617 0.45 30.77 11.97
N SER A 618 -0.40 30.47 12.94
CA SER A 618 -1.43 29.47 12.74
C SER A 618 -2.18 29.75 11.44
N PRO A 619 -2.39 28.72 10.61
CA PRO A 619 -3.17 28.87 9.38
C PRO A 619 -4.69 28.75 9.58
N VAL A 620 -5.17 28.63 10.80
CA VAL A 620 -6.59 28.44 11.06
C VAL A 620 -7.22 29.54 11.90
N LEU A 621 -6.63 30.73 11.87
CA LEU A 621 -7.21 31.88 12.57
C LEU A 621 -8.49 32.37 11.93
N ASP A 622 -8.68 32.04 10.66
CA ASP A 622 -9.87 32.49 9.92
C ASP A 622 -11.02 31.48 9.91
N VAL A 623 -10.90 30.41 10.68
CA VAL A 623 -11.99 29.46 10.84
C VAL A 623 -13.05 30.14 11.72
N PRO A 624 -14.30 30.12 11.27
CA PRO A 624 -15.37 30.80 12.01
C PRO A 624 -15.89 29.98 13.20
N ALA A 625 -16.53 30.67 14.14
CA ALA A 625 -17.18 30.01 15.26
C ALA A 625 -18.33 29.13 14.80
N ASN A 626 -18.64 28.12 15.62
CA ASN A 626 -19.90 27.36 15.53
C ASN A 626 -20.44 27.22 14.10
#